data_5E46
#
_entry.id   5E46
#
_cell.length_a   73.633
_cell.length_b   94.020
_cell.length_c   117.054
_cell.angle_alpha   90.00
_cell.angle_beta   90.00
_cell.angle_gamma   90.00
#
_symmetry.space_group_name_H-M   'I 2 2 2'
#
loop_
_entity.id
_entity.type
_entity.pdbx_description
1 polymer 'Hydroxynitrile lyase'
2 water water
#
_entity_poly.entity_id   1
_entity_poly.type   'polypeptide(L)'
_entity_poly.pdbx_seq_one_letter_code
;(MSE)SYYHHHHHHDYDIPTTENLYFQGA(MSE)AGTGGGAEQFQLRGVLWGKAYSWKITGTTIDKVWSIVGDYVRVDNW
VSSVVKSSHVVSGEANQTGCVRRFVCYPASEGESETVDYSELIH(MSE)NAAAHQY(MSE)Y(MSE)IVGGNITGFSL
(MSE)KNYVSNISLSSLPEEDGGGVIFYWSFTAEPASNLTEQKCIEIVFPLYTTALKDLCTHLSIPESSVTLLDD
;
_entity_poly.pdbx_strand_id   A,B
#
# COMPACT_ATOMS: atom_id res chain seq x y z
N GLU A 34 19.17 0.50 -22.18
CA GLU A 34 19.14 -0.94 -21.92
C GLU A 34 20.03 -1.32 -20.75
N GLN A 35 19.88 -0.61 -19.63
CA GLN A 35 20.58 -0.97 -18.42
C GLN A 35 19.78 -0.55 -17.19
N PHE A 36 20.24 -0.95 -16.02
CA PHE A 36 19.50 -0.72 -14.80
C PHE A 36 20.43 -0.78 -13.61
N GLN A 37 19.96 -0.22 -12.49
N GLN A 37 19.95 -0.24 -12.49
CA GLN A 37 20.72 -0.26 -11.24
CA GLN A 37 20.69 -0.26 -11.24
C GLN A 37 19.92 -1.00 -10.18
C GLN A 37 19.92 -1.00 -10.18
N LEU A 38 20.53 -2.03 -9.59
CA LEU A 38 19.87 -2.79 -8.52
C LEU A 38 19.70 -1.90 -7.28
N ARG A 39 18.60 -2.10 -6.57
CA ARG A 39 18.35 -1.43 -5.31
C ARG A 39 18.11 -2.49 -4.24
N GLY A 40 18.20 -2.13 -2.97
CA GLY A 40 17.97 -3.09 -1.91
C GLY A 40 16.51 -3.46 -1.82
N VAL A 41 16.23 -4.60 -1.20
CA VAL A 41 14.87 -5.07 -1.08
C VAL A 41 14.32 -4.65 0.28
N LEU A 42 13.02 -4.82 0.47
CA LEU A 42 12.38 -4.38 1.72
C LEU A 42 11.71 -5.54 2.45
N TRP A 43 11.50 -5.36 3.75
CA TRP A 43 10.65 -6.22 4.55
C TRP A 43 9.31 -5.53 4.67
N GLY A 44 8.26 -6.27 4.99
CA GLY A 44 6.99 -5.62 5.29
C GLY A 44 5.81 -6.54 5.11
N LYS A 45 4.63 -6.04 5.42
CA LYS A 45 3.41 -6.79 5.20
C LYS A 45 2.23 -5.83 5.21
N ALA A 46 1.18 -6.21 4.49
CA ALA A 46 -0.04 -5.41 4.36
C ALA A 46 -1.24 -6.18 4.88
N TYR A 47 -2.15 -5.47 5.53
CA TYR A 47 -3.33 -6.05 6.16
C TYR A 47 -4.54 -5.27 5.72
N SER A 48 -5.67 -5.96 5.60
CA SER A 48 -6.93 -5.31 5.29
C SER A 48 -8.05 -5.83 6.17
N TRP A 49 -8.82 -4.90 6.73
CA TRP A 49 -9.98 -5.21 7.53
C TRP A 49 -11.23 -4.68 6.84
N LYS A 50 -12.34 -5.40 7.01
CA LYS A 50 -13.64 -4.88 6.61
C LYS A 50 -14.34 -4.42 7.87
N ILE A 51 -14.92 -3.22 7.84
CA ILE A 51 -15.59 -2.69 9.01
C ILE A 51 -17.06 -2.39 8.68
N THR A 52 -17.97 -3.04 9.40
CA THR A 52 -19.40 -2.83 9.15
C THR A 52 -20.01 -1.91 10.20
N GLY A 53 -21.21 -1.41 9.93
CA GLY A 53 -21.93 -0.60 10.87
C GLY A 53 -21.32 0.77 11.10
N THR A 54 -20.65 1.29 10.08
CA THR A 54 -20.04 2.60 10.17
C THR A 54 -19.84 3.19 8.77
N THR A 55 -19.31 4.41 8.70
CA THR A 55 -19.05 5.07 7.43
C THR A 55 -17.60 5.50 7.33
N ILE A 56 -17.15 5.74 6.11
CA ILE A 56 -15.76 6.14 5.91
C ILE A 56 -15.49 7.47 6.62
N ASP A 57 -16.47 8.38 6.62
CA ASP A 57 -16.32 9.65 7.34
C ASP A 57 -16.12 9.46 8.84
N LYS A 58 -16.91 8.58 9.44
CA LYS A 58 -16.77 8.33 10.87
C LYS A 58 -15.43 7.69 11.20
N VAL A 59 -14.99 6.75 10.37
CA VAL A 59 -13.68 6.14 10.59
C VAL A 59 -12.58 7.18 10.42
N TRP A 60 -12.70 8.01 9.39
CA TRP A 60 -11.66 8.99 9.08
C TRP A 60 -11.53 10.03 10.18
N SER A 61 -12.64 10.41 10.81
CA SER A 61 -12.59 11.44 11.84
C SER A 61 -11.67 11.01 13.00
N ILE A 62 -11.46 9.71 13.15
CA ILE A 62 -10.53 9.18 14.15
C ILE A 62 -9.15 8.84 13.56
N VAL A 63 -9.18 8.07 12.47
CA VAL A 63 -7.96 7.58 11.84
C VAL A 63 -7.20 8.69 11.12
N GLY A 64 -7.92 9.63 10.52
CA GLY A 64 -7.30 10.68 9.72
C GLY A 64 -6.71 11.85 10.50
N ASP A 65 -7.04 11.95 11.79
CA ASP A 65 -6.46 12.98 12.64
C ASP A 65 -5.09 12.49 13.09
N TYR A 66 -4.15 12.54 12.17
CA TYR A 66 -2.82 11.96 12.33
C TYR A 66 -2.09 12.44 13.59
N VAL A 67 -2.08 13.75 13.83
CA VAL A 67 -1.29 14.24 14.95
C VAL A 67 -1.97 13.98 16.31
N ARG A 68 -3.22 13.55 16.29
CA ARG A 68 -3.92 13.20 17.53
C ARG A 68 -4.21 11.69 17.59
N VAL A 69 -3.18 10.89 17.33
CA VAL A 69 -3.33 9.43 17.38
C VAL A 69 -3.65 8.97 18.81
N ASP A 70 -3.39 9.83 19.80
CA ASP A 70 -3.78 9.53 21.17
C ASP A 70 -5.31 9.41 21.30
N ASN A 71 -6.04 10.05 20.40
CA ASN A 71 -7.50 9.91 20.38
C ASN A 71 -7.97 8.72 19.55
N TRP A 72 -7.03 7.93 19.06
CA TRP A 72 -7.36 6.70 18.35
C TRP A 72 -6.84 5.51 19.14
N VAL A 73 -5.53 5.29 19.15
CA VAL A 73 -4.96 4.10 19.81
C VAL A 73 -4.74 4.43 21.29
N SER A 74 -5.84 4.75 21.97
N SER A 74 -5.82 4.75 21.98
CA SER A 74 -5.80 5.33 23.31
CA SER A 74 -5.73 5.36 23.30
C SER A 74 -5.29 4.38 24.38
C SER A 74 -5.33 4.38 24.40
N SER A 75 -5.34 3.09 24.10
CA SER A 75 -4.88 2.09 25.08
C SER A 75 -3.35 2.02 25.15
N VAL A 76 -2.71 2.51 24.08
CA VAL A 76 -1.25 2.47 23.94
C VAL A 76 -0.61 3.87 24.05
N VAL A 77 -1.26 4.85 23.44
CA VAL A 77 -0.72 6.20 23.32
C VAL A 77 -1.34 7.15 24.31
N LYS A 78 -0.51 7.74 25.17
CA LYS A 78 -0.98 8.60 26.24
C LYS A 78 -1.30 10.02 25.76
N SER A 79 -0.47 10.53 24.86
CA SER A 79 -0.65 11.89 24.36
C SER A 79 0.07 12.06 23.04
N SER A 80 -0.31 13.08 22.29
CA SER A 80 0.28 13.33 20.97
C SER A 80 0.10 14.78 20.54
N HIS A 81 1.14 15.35 19.94
N HIS A 81 1.12 15.36 19.94
CA HIS A 81 1.14 16.75 19.49
CA HIS A 81 0.95 16.68 19.34
C HIS A 81 1.95 16.90 18.21
C HIS A 81 1.95 16.94 18.24
N VAL A 82 1.64 17.91 17.40
CA VAL A 82 2.49 18.25 16.28
C VAL A 82 3.69 19.01 16.85
N VAL A 83 4.89 18.73 16.34
CA VAL A 83 6.11 19.41 16.77
C VAL A 83 6.89 20.04 15.62
N SER A 84 6.45 19.81 14.38
CA SER A 84 7.06 20.48 13.23
C SER A 84 6.02 20.59 12.13
N GLY A 85 5.95 21.74 11.48
CA GLY A 85 4.93 21.97 10.46
C GLY A 85 3.55 22.20 11.04
N GLU A 86 2.54 22.10 10.17
CA GLU A 86 1.16 22.36 10.55
C GLU A 86 0.42 21.04 10.72
N ALA A 87 -0.43 20.96 11.74
CA ALA A 87 -1.16 19.72 12.05
C ALA A 87 -1.79 19.07 10.83
N ASN A 88 -1.41 17.80 10.61
CA ASN A 88 -1.99 16.93 9.59
C ASN A 88 -1.75 17.38 8.15
N GLN A 89 -0.76 18.22 7.95
CA GLN A 89 -0.33 18.58 6.60
C GLN A 89 0.94 17.82 6.23
N THR A 90 1.06 17.45 4.96
CA THR A 90 2.21 16.67 4.53
C THR A 90 3.49 17.35 4.97
N GLY A 91 4.40 16.55 5.50
CA GLY A 91 5.67 17.06 5.96
C GLY A 91 5.70 17.30 7.46
N CYS A 92 4.53 17.35 8.09
CA CYS A 92 4.53 17.65 9.52
C CYS A 92 5.06 16.47 10.32
N VAL A 93 5.48 16.75 11.55
CA VAL A 93 5.97 15.72 12.45
C VAL A 93 5.16 15.71 13.73
N ARG A 94 4.69 14.52 14.11
CA ARG A 94 3.98 14.34 15.37
C ARG A 94 4.94 13.72 16.38
N ARG A 95 4.77 14.09 17.64
CA ARG A 95 5.47 13.45 18.74
C ARG A 95 4.41 12.83 19.63
N PHE A 96 4.47 11.53 19.85
CA PHE A 96 3.53 10.95 20.79
C PHE A 96 4.19 10.10 21.84
N VAL A 97 3.53 10.03 23.00
CA VAL A 97 4.07 9.40 24.18
C VAL A 97 3.26 8.15 24.48
N CYS A 98 3.95 7.04 24.72
CA CYS A 98 3.29 5.78 25.01
C CYS A 98 3.32 5.48 26.50
N TYR A 99 2.30 4.80 26.99
CA TYR A 99 2.29 4.29 28.34
C TYR A 99 3.45 3.32 28.56
N PRO A 100 3.93 3.22 29.79
CA PRO A 100 4.99 2.26 30.13
C PRO A 100 4.61 0.82 29.77
N ALA A 101 5.60 0.04 29.36
CA ALA A 101 5.38 -1.35 29.03
C ALA A 101 5.05 -2.13 30.29
N SER A 102 5.66 -1.74 31.40
N SER A 102 5.67 -1.75 31.39
CA SER A 102 5.41 -2.38 32.68
CA SER A 102 5.45 -2.38 32.68
C SER A 102 5.68 -1.40 33.82
C SER A 102 5.58 -1.36 33.81
N GLU A 103 5.39 -1.83 35.05
CA GLU A 103 5.39 -0.96 36.22
C GLU A 103 6.56 0.02 36.39
N GLY A 104 7.78 -0.48 36.35
CA GLY A 104 8.94 0.36 36.61
C GLY A 104 9.46 1.15 35.42
N GLU A 105 9.06 0.73 34.22
CA GLU A 105 9.62 1.32 32.99
C GLU A 105 9.13 2.73 32.70
N SER A 106 9.89 3.46 31.89
CA SER A 106 9.53 4.83 31.55
C SER A 106 8.60 4.87 30.35
N GLU A 107 7.92 5.99 30.16
CA GLU A 107 7.14 6.20 28.95
C GLU A 107 8.11 6.34 27.78
N THR A 108 7.75 5.84 26.61
CA THR A 108 8.62 5.94 25.45
C THR A 108 7.98 6.91 24.46
N VAL A 109 8.77 7.35 23.49
CA VAL A 109 8.36 8.46 22.62
C VAL A 109 8.55 8.09 21.15
N ASP A 110 7.61 8.51 20.32
CA ASP A 110 7.69 8.31 18.88
C ASP A 110 7.67 9.67 18.20
N TYR A 111 8.57 9.86 17.25
CA TYR A 111 8.50 10.98 16.32
C TYR A 111 8.23 10.41 14.94
N SER A 112 7.17 10.86 14.28
CA SER A 112 6.89 10.37 12.94
C SER A 112 6.39 11.47 12.01
N GLU A 113 6.89 11.42 10.78
CA GLU A 113 6.63 12.43 9.78
C GLU A 113 5.56 11.96 8.80
N LEU A 114 4.60 12.82 8.52
CA LEU A 114 3.58 12.55 7.52
C LEU A 114 4.22 12.80 6.16
N ILE A 115 4.47 11.76 5.37
CA ILE A 115 5.15 12.01 4.09
C ILE A 115 4.22 12.00 2.88
N HIS A 116 2.95 11.68 3.10
CA HIS A 116 1.94 11.87 2.07
C HIS A 116 0.58 11.94 2.72
N ASN A 118 -3.63 12.60 1.61
CA ASN A 118 -4.70 12.95 0.69
C ASN A 118 -6.02 12.70 1.40
N ALA A 119 -6.47 13.71 2.16
CA ALA A 119 -7.67 13.57 2.98
C ALA A 119 -8.90 13.24 2.17
N ALA A 120 -9.02 13.88 1.01
CA ALA A 120 -10.16 13.63 0.12
C ALA A 120 -10.23 12.17 -0.29
N ALA A 121 -9.08 11.54 -0.44
CA ALA A 121 -9.04 10.13 -0.82
C ALA A 121 -8.83 9.21 0.38
N HIS A 122 -8.91 9.77 1.59
CA HIS A 122 -8.79 9.01 2.84
C HIS A 122 -7.57 8.10 2.87
N GLN A 123 -6.41 8.67 2.56
CA GLN A 123 -5.18 7.88 2.57
C GLN A 123 -3.99 8.73 2.94
N TYR A 124 -3.07 8.15 3.68
CA TYR A 124 -1.84 8.83 4.01
C TYR A 124 -0.72 7.87 4.31
N TYR A 126 3.27 7.61 6.50
CA TYR A 126 4.14 8.21 7.50
C TYR A 126 5.36 7.35 7.77
N ILE A 128 8.59 6.69 10.80
CA ILE A 128 9.18 7.02 12.08
C ILE A 128 10.53 7.69 11.84
N VAL A 129 10.70 8.89 12.38
CA VAL A 129 11.95 9.62 12.16
C VAL A 129 12.74 9.87 13.46
N GLY A 130 12.26 9.35 14.58
CA GLY A 130 12.99 9.44 15.83
C GLY A 130 12.26 8.78 16.98
N GLY A 131 12.88 8.76 18.15
CA GLY A 131 12.22 8.31 19.36
C GLY A 131 12.75 6.98 19.86
N ASN A 132 12.20 6.51 20.98
CA ASN A 132 12.63 5.23 21.52
C ASN A 132 11.46 4.27 21.74
N ILE A 133 10.38 4.50 21.00
CA ILE A 133 9.19 3.68 21.11
C ILE A 133 9.56 2.21 21.00
N THR A 134 9.05 1.42 21.93
CA THR A 134 9.46 0.03 22.04
C THR A 134 9.18 -0.77 20.77
N GLY A 135 10.20 -1.48 20.31
CA GLY A 135 10.09 -2.29 19.10
C GLY A 135 10.17 -1.45 17.84
N PHE A 136 9.24 -0.52 17.69
CA PHE A 136 9.16 0.29 16.48
C PHE A 136 10.42 1.09 16.20
N SER A 137 11.07 1.58 17.25
CA SER A 137 12.29 2.37 17.08
C SER A 137 13.49 1.51 16.68
N LEU A 138 13.34 0.18 16.74
CA LEU A 138 14.43 -0.72 16.35
C LEU A 138 14.54 -0.85 14.83
N LYS A 140 14.62 -0.12 10.78
CA LYS A 140 15.29 0.85 9.94
C LYS A 140 14.30 1.38 8.91
N ASN A 141 14.07 2.69 8.96
CA ASN A 141 13.13 3.35 8.06
C ASN A 141 11.76 2.67 7.98
N TYR A 142 11.11 2.55 9.12
CA TYR A 142 9.74 2.06 9.17
C TYR A 142 8.82 3.04 8.47
N VAL A 143 8.11 2.57 7.46
CA VAL A 143 7.17 3.41 6.70
C VAL A 143 5.81 2.72 6.71
N SER A 144 4.75 3.45 6.99
CA SER A 144 3.41 2.86 7.04
C SER A 144 2.45 3.61 6.12
N ASN A 145 1.51 2.86 5.54
CA ASN A 145 0.46 3.38 4.67
C ASN A 145 -0.91 3.01 5.20
N ILE A 146 -1.80 4.00 5.25
CA ILE A 146 -3.20 3.76 5.61
C ILE A 146 -4.09 4.24 4.48
N SER A 147 -5.05 3.41 4.09
CA SER A 147 -5.99 3.78 3.05
C SER A 147 -7.39 3.28 3.40
N LEU A 148 -8.40 4.15 3.33
CA LEU A 148 -9.79 3.74 3.55
C LEU A 148 -10.56 3.74 2.25
N SER A 149 -11.42 2.74 2.06
CA SER A 149 -12.27 2.63 0.88
C SER A 149 -13.70 2.32 1.29
N SER A 150 -14.68 2.82 0.54
CA SER A 150 -16.08 2.46 0.75
C SER A 150 -16.51 1.31 -0.15
N LEU A 151 -17.15 0.28 0.42
CA LEU A 151 -17.75 -0.78 -0.36
C LEU A 151 -19.05 -0.24 -0.97
N PRO A 152 -19.51 -0.82 -2.08
CA PRO A 152 -20.74 -0.32 -2.71
C PRO A 152 -21.94 -0.39 -1.77
N GLU A 153 -22.77 0.65 -1.79
CA GLU A 153 -23.92 0.71 -0.89
C GLU A 153 -24.90 -0.42 -1.18
N GLU A 154 -25.00 -0.80 -2.44
CA GLU A 154 -25.89 -1.90 -2.83
C GLU A 154 -25.46 -3.21 -2.17
N ASP A 155 -24.16 -3.34 -1.91
CA ASP A 155 -23.64 -4.55 -1.29
C ASP A 155 -23.64 -4.45 0.22
N GLY A 156 -24.29 -3.43 0.76
CA GLY A 156 -24.38 -3.24 2.19
C GLY A 156 -23.42 -2.22 2.76
N GLY A 157 -22.61 -1.63 1.91
CA GLY A 157 -21.64 -0.64 2.37
C GLY A 157 -20.59 -1.26 3.28
N GLY A 158 -20.04 -0.44 4.16
CA GLY A 158 -18.91 -0.85 4.98
C GLY A 158 -17.64 -0.23 4.47
N VAL A 159 -16.59 -0.28 5.28
CA VAL A 159 -15.31 0.33 4.94
C VAL A 159 -14.22 -0.73 4.86
N ILE A 160 -13.36 -0.64 3.85
CA ILE A 160 -12.14 -1.44 3.80
C ILE A 160 -10.99 -0.59 4.32
N PHE A 161 -10.34 -1.08 5.37
CA PHE A 161 -9.26 -0.38 6.04
C PHE A 161 -8.00 -1.12 5.62
N TYR A 162 -7.16 -0.50 4.79
CA TYR A 162 -5.86 -1.05 4.41
C TYR A 162 -4.76 -0.40 5.25
N TRP A 163 -3.87 -1.22 5.80
CA TRP A 163 -2.74 -0.76 6.58
C TRP A 163 -1.53 -1.64 6.27
N SER A 164 -0.45 -1.03 5.79
CA SER A 164 0.76 -1.77 5.47
C SER A 164 1.96 -1.10 6.11
N PHE A 165 3.06 -1.85 6.21
CA PHE A 165 4.32 -1.25 6.61
C PHE A 165 5.44 -1.84 5.78
N THR A 166 6.53 -1.10 5.67
CA THR A 166 7.79 -1.65 5.22
C THR A 166 8.91 -1.21 6.15
N ALA A 167 10.00 -1.94 6.08
CA ALA A 167 11.22 -1.60 6.80
C ALA A 167 12.40 -2.14 6.03
N GLU A 168 13.55 -1.49 6.17
CA GLU A 168 14.76 -1.94 5.52
C GLU A 168 15.43 -3.04 6.34
N PRO A 169 15.90 -4.09 5.67
CA PRO A 169 16.61 -5.17 6.36
C PRO A 169 17.79 -4.63 7.16
N ALA A 170 17.95 -5.14 8.37
CA ALA A 170 19.05 -4.74 9.24
C ALA A 170 19.45 -5.92 10.09
N SER A 171 20.71 -5.96 10.51
CA SER A 171 21.29 -7.13 11.16
C SER A 171 20.66 -7.49 12.50
N ASN A 172 20.09 -6.50 13.17
CA ASN A 172 19.59 -6.72 14.51
C ASN A 172 18.14 -7.18 14.54
N LEU A 173 17.53 -7.31 13.35
CA LEU A 173 16.17 -7.80 13.27
C LEU A 173 15.99 -8.83 12.15
N THR A 174 14.77 -9.33 12.00
CA THR A 174 14.39 -10.19 10.89
C THR A 174 13.02 -9.69 10.45
N GLU A 175 12.60 -10.10 9.26
CA GLU A 175 11.27 -9.72 8.82
C GLU A 175 10.24 -10.24 9.80
N GLN A 176 10.41 -11.48 10.26
CA GLN A 176 9.48 -12.07 11.21
C GLN A 176 9.39 -11.28 12.49
N LYS A 177 10.54 -10.83 13.01
CA LYS A 177 10.52 -10.04 14.23
C LYS A 177 9.78 -8.72 14.01
N CYS A 178 9.89 -8.16 12.81
CA CYS A 178 9.19 -6.90 12.49
C CYS A 178 7.68 -7.12 12.52
N ILE A 179 7.26 -8.18 11.86
CA ILE A 179 5.85 -8.54 11.82
C ILE A 179 5.34 -8.75 13.24
N GLU A 180 6.14 -9.39 14.09
CA GLU A 180 5.72 -9.61 15.47
C GLU A 180 5.63 -8.33 16.30
N ILE A 181 6.32 -7.28 15.85
CA ILE A 181 6.22 -5.98 16.49
C ILE A 181 4.98 -5.20 16.01
N VAL A 182 4.78 -5.22 14.70
CA VAL A 182 3.79 -4.35 14.07
C VAL A 182 2.37 -4.87 14.18
N PHE A 183 2.15 -6.12 13.79
CA PHE A 183 0.80 -6.64 13.70
C PHE A 183 0.01 -6.59 15.02
N PRO A 184 0.64 -6.91 16.15
CA PRO A 184 -0.15 -6.79 17.39
C PRO A 184 -0.61 -5.36 17.67
N LEU A 185 0.17 -4.37 17.25
N LEU A 185 0.18 -4.38 17.25
CA LEU A 185 -0.23 -2.98 17.46
CA LEU A 185 -0.21 -2.99 17.45
C LEU A 185 -1.37 -2.60 16.53
C LEU A 185 -1.36 -2.61 16.53
N TYR A 186 -1.27 -3.01 15.26
CA TYR A 186 -2.35 -2.75 14.32
C TYR A 186 -3.66 -3.38 14.83
N THR A 187 -3.53 -4.58 15.39
CA THR A 187 -4.67 -5.30 15.92
C THR A 187 -5.26 -4.52 17.10
N THR A 188 -4.41 -4.08 18.01
CA THR A 188 -4.86 -3.23 19.12
C THR A 188 -5.53 -1.95 18.61
N ALA A 189 -4.95 -1.34 17.57
CA ALA A 189 -5.50 -0.11 17.01
C ALA A 189 -6.91 -0.30 16.43
N LEU A 190 -7.14 -1.43 15.76
CA LEU A 190 -8.48 -1.69 15.23
C LEU A 190 -9.48 -1.92 16.37
N LYS A 191 -9.03 -2.54 17.45
N LYS A 191 -9.03 -2.57 17.44
CA LYS A 191 -9.91 -2.72 18.62
CA LYS A 191 -9.87 -2.72 18.62
C LYS A 191 -10.23 -1.36 19.25
C LYS A 191 -10.22 -1.36 19.22
N ASP A 192 -9.21 -0.51 19.39
CA ASP A 192 -9.42 0.83 19.93
C ASP A 192 -10.32 1.70 19.03
N LEU A 193 -10.20 1.54 17.72
CA LEU A 193 -11.10 2.19 16.79
C LEU A 193 -12.57 1.89 17.09
N CYS A 194 -12.87 0.63 17.33
CA CYS A 194 -14.22 0.20 17.66
C CYS A 194 -14.76 0.89 18.89
N THR A 195 -13.90 0.99 19.88
CA THR A 195 -14.25 1.62 21.14
C THR A 195 -14.65 3.08 20.91
N HIS A 196 -13.86 3.78 20.11
CA HIS A 196 -14.12 5.19 19.84
C HIS A 196 -15.31 5.40 18.93
N LEU A 197 -15.65 4.40 18.14
CA LEU A 197 -16.83 4.46 17.26
C LEU A 197 -18.09 4.03 18.00
N SER A 198 -17.90 3.43 19.17
CA SER A 198 -18.99 2.82 19.93
C SER A 198 -19.70 1.75 19.10
N ILE A 199 -18.92 0.94 18.41
CA ILE A 199 -19.45 -0.25 17.75
C ILE A 199 -18.76 -1.46 18.35
N PRO A 200 -19.41 -2.63 18.32
CA PRO A 200 -18.79 -3.85 18.86
C PRO A 200 -17.59 -4.27 18.03
N GLU A 201 -16.71 -5.09 18.61
CA GLU A 201 -15.53 -5.56 17.89
C GLU A 201 -15.92 -6.49 16.76
N SER A 202 -17.09 -7.09 16.86
CA SER A 202 -17.61 -7.94 15.79
C SER A 202 -17.81 -7.15 14.49
N SER A 203 -17.75 -5.83 14.56
CA SER A 203 -17.92 -4.97 13.39
C SER A 203 -16.68 -5.03 12.49
N VAL A 204 -15.57 -5.48 13.06
CA VAL A 204 -14.29 -5.56 12.34
C VAL A 204 -13.88 -7.00 12.02
N THR A 205 -13.56 -7.24 10.75
CA THR A 205 -13.08 -8.54 10.30
C THR A 205 -11.77 -8.39 9.53
N LEU A 206 -10.72 -9.05 10.01
CA LEU A 206 -9.46 -9.10 9.27
C LEU A 206 -9.65 -9.97 8.04
N LEU A 207 -9.45 -9.40 6.85
CA LEU A 207 -9.60 -10.18 5.63
C LEU A 207 -8.49 -11.21 5.45
N ASP A 208 -8.81 -12.37 4.87
N ASP A 208 -8.86 -12.36 4.89
CA ASP A 208 -7.87 -13.49 4.66
CA ASP A 208 -7.97 -13.51 4.61
C ASP A 208 -7.43 -14.16 5.97
C ASP A 208 -7.44 -14.19 5.85
N ASP A 209 -8.29 -14.15 6.99
N ASP A 209 -8.33 -14.44 6.80
CA ASP A 209 -7.92 -14.77 8.27
CA ASP A 209 -7.98 -15.15 8.02
C ASP A 209 -8.46 -16.20 8.39
C ASP A 209 -8.84 -16.39 8.22
N GLU B 34 15.05 12.42 21.97
CA GLU B 34 14.13 13.54 21.74
C GLU B 34 14.56 14.42 20.58
N GLN B 35 14.99 13.80 19.50
CA GLN B 35 15.19 14.51 18.25
C GLN B 35 14.78 13.62 17.09
N PHE B 36 14.72 14.22 15.91
CA PHE B 36 14.25 13.51 14.74
C PHE B 36 14.97 14.04 13.52
N GLN B 37 14.93 13.26 12.44
CA GLN B 37 15.55 13.67 11.18
C GLN B 37 14.49 13.88 10.11
N LEU B 38 14.33 15.12 9.66
CA LEU B 38 13.31 15.43 8.67
C LEU B 38 13.70 14.87 7.31
N ARG B 39 12.72 14.43 6.55
CA ARG B 39 13.00 14.02 5.19
C ARG B 39 11.93 14.52 4.24
N GLY B 40 12.15 14.27 2.96
CA GLY B 40 11.25 14.75 1.93
C GLY B 40 9.93 14.03 1.89
N VAL B 41 8.96 14.63 1.21
CA VAL B 41 7.65 14.04 1.10
C VAL B 41 7.57 13.24 -0.20
N LEU B 42 6.48 12.50 -0.39
CA LEU B 42 6.32 11.70 -1.59
C LEU B 42 5.04 12.08 -2.31
N TRP B 43 5.02 11.84 -3.62
CA TRP B 43 3.80 11.87 -4.40
C TRP B 43 3.25 10.45 -4.48
N GLY B 44 1.98 10.32 -4.82
CA GLY B 44 1.40 9.01 -5.03
C GLY B 44 -0.08 8.93 -4.83
N LYS B 45 -0.64 7.77 -5.09
CA LYS B 45 -2.05 7.53 -4.85
C LYS B 45 -2.31 6.03 -4.81
N ALA B 46 -3.31 5.63 -4.05
CA ALA B 46 -3.71 4.23 -3.95
C ALA B 46 -5.12 4.07 -4.47
N TYR B 47 -5.36 2.96 -5.17
CA TYR B 47 -6.65 2.61 -5.75
C TYR B 47 -7.08 1.23 -5.25
N SER B 48 -8.38 1.02 -5.08
CA SER B 48 -8.89 -0.32 -4.76
C SER B 48 -10.11 -0.63 -5.63
N TRP B 49 -10.12 -1.83 -6.19
CA TRP B 49 -11.26 -2.33 -6.96
C TRP B 49 -11.87 -3.57 -6.30
N LYS B 50 -13.18 -3.70 -6.40
CA LYS B 50 -13.86 -4.94 -6.06
C LYS B 50 -14.04 -5.75 -7.33
N ILE B 51 -13.64 -7.02 -7.28
CA ILE B 51 -13.77 -7.89 -8.44
C ILE B 51 -14.61 -9.10 -8.08
N THR B 52 -15.73 -9.26 -8.78
CA THR B 52 -16.64 -10.37 -8.53
C THR B 52 -16.47 -11.46 -9.57
N GLY B 53 -17.07 -12.62 -9.31
CA GLY B 53 -17.10 -13.68 -10.30
C GLY B 53 -15.78 -14.38 -10.53
N THR B 54 -14.89 -14.33 -9.55
CA THR B 54 -13.60 -14.99 -9.68
C THR B 54 -13.10 -15.35 -8.30
N THR B 55 -11.88 -15.86 -8.20
CA THR B 55 -11.29 -16.15 -6.90
C THR B 55 -9.94 -15.49 -6.80
N ILE B 56 -9.46 -15.31 -5.58
CA ILE B 56 -8.16 -14.69 -5.37
C ILE B 56 -7.06 -15.53 -6.03
N ASP B 57 -7.23 -16.84 -6.06
CA ASP B 57 -6.23 -17.71 -6.66
C ASP B 57 -6.17 -17.52 -8.15
N LYS B 58 -7.34 -17.36 -8.78
CA LYS B 58 -7.37 -17.17 -10.22
C LYS B 58 -6.75 -15.82 -10.56
N VAL B 59 -7.17 -14.79 -9.84
CA VAL B 59 -6.59 -13.45 -10.05
C VAL B 59 -5.08 -13.50 -9.89
N TRP B 60 -4.59 -14.15 -8.84
CA TRP B 60 -3.16 -14.21 -8.56
C TRP B 60 -2.38 -14.95 -9.63
N SER B 61 -3.01 -15.93 -10.29
CA SER B 61 -2.29 -16.67 -11.34
C SER B 61 -1.84 -15.74 -12.47
N ILE B 62 -2.56 -14.63 -12.64
N ILE B 62 -2.57 -14.64 -12.64
CA ILE B 62 -2.22 -13.65 -13.68
CA ILE B 62 -2.26 -13.64 -13.67
C ILE B 62 -1.39 -12.49 -13.11
C ILE B 62 -1.40 -12.51 -13.10
N VAL B 63 -1.89 -11.90 -12.03
CA VAL B 63 -1.29 -10.71 -11.46
C VAL B 63 0.02 -11.02 -10.73
N GLY B 64 0.08 -12.20 -10.13
CA GLY B 64 1.23 -12.61 -9.33
C GLY B 64 2.43 -13.12 -10.10
N ASP B 65 2.26 -13.40 -11.39
CA ASP B 65 3.38 -13.85 -12.20
C ASP B 65 4.16 -12.61 -12.68
N TYR B 66 4.89 -12.03 -11.75
CA TYR B 66 5.57 -10.76 -11.94
C TYR B 66 6.39 -10.69 -13.22
N VAL B 67 7.22 -11.68 -13.48
CA VAL B 67 8.12 -11.55 -14.62
C VAL B 67 7.42 -11.84 -15.95
N ARG B 68 6.19 -12.31 -15.93
CA ARG B 68 5.43 -12.51 -17.15
C ARG B 68 4.23 -11.57 -17.21
N VAL B 69 4.49 -10.29 -17.01
CA VAL B 69 3.43 -9.28 -17.11
C VAL B 69 2.84 -9.22 -18.53
N ASP B 70 3.56 -9.75 -19.52
CA ASP B 70 3.01 -9.84 -20.88
C ASP B 70 1.75 -10.73 -20.92
N ASN B 71 1.62 -11.67 -19.99
CA ASN B 71 0.43 -12.50 -19.90
C ASN B 71 -0.70 -11.83 -19.14
N TRP B 72 -0.47 -10.61 -18.70
CA TRP B 72 -1.51 -9.86 -18.00
C TRP B 72 -1.90 -8.61 -18.79
N VAL B 73 -1.06 -7.58 -18.79
CA VAL B 73 -1.43 -6.32 -19.41
C VAL B 73 -1.07 -6.39 -20.88
N SER B 74 -1.74 -7.27 -21.60
N SER B 74 -1.76 -7.28 -21.58
CA SER B 74 -1.39 -7.57 -22.98
CA SER B 74 -1.43 -7.66 -22.96
C SER B 74 -1.85 -6.49 -23.96
C SER B 74 -1.74 -6.59 -23.98
N SER B 75 -2.66 -5.54 -23.50
N SER B 75 -2.56 -5.61 -23.61
CA SER B 75 -2.99 -4.36 -24.31
CA SER B 75 -2.86 -4.52 -24.54
C SER B 75 -1.79 -3.43 -24.47
C SER B 75 -1.77 -3.44 -24.50
N VAL B 76 -0.80 -3.61 -23.62
CA VAL B 76 0.31 -2.67 -23.52
C VAL B 76 1.66 -3.33 -23.69
N VAL B 77 1.82 -4.47 -23.06
CA VAL B 77 3.10 -5.16 -22.99
C VAL B 77 3.19 -6.24 -24.06
N LYS B 78 4.29 -6.24 -24.80
CA LYS B 78 4.47 -7.19 -25.90
C LYS B 78 5.18 -8.45 -25.42
N SER B 79 6.22 -8.28 -24.63
CA SER B 79 7.04 -9.38 -24.13
C SER B 79 7.64 -9.03 -22.78
N SER B 80 7.99 -10.06 -22.01
CA SER B 80 8.55 -9.84 -20.69
C SER B 80 9.39 -11.05 -20.26
N HIS B 81 10.52 -10.77 -19.65
N HIS B 81 10.53 -10.80 -19.63
CA HIS B 81 11.45 -11.81 -19.21
CA HIS B 81 11.42 -11.87 -19.21
C HIS B 81 12.16 -11.40 -17.93
C HIS B 81 12.25 -11.43 -18.01
N VAL B 82 12.55 -12.38 -17.13
CA VAL B 82 13.41 -12.11 -16.01
C VAL B 82 14.80 -11.90 -16.59
N VAL B 83 15.53 -10.90 -16.09
CA VAL B 83 16.88 -10.65 -16.60
C VAL B 83 17.92 -10.62 -15.49
N SER B 84 17.47 -10.66 -14.24
CA SER B 84 18.36 -10.76 -13.10
C SER B 84 17.67 -11.51 -11.97
N GLY B 85 18.41 -12.40 -11.32
CA GLY B 85 17.87 -13.18 -10.21
C GLY B 85 16.98 -14.32 -10.65
N GLU B 86 16.30 -14.94 -9.68
N GLU B 86 16.30 -14.94 -9.68
CA GLU B 86 15.36 -16.03 -9.96
CA GLU B 86 15.37 -16.02 -9.98
C GLU B 86 13.97 -15.46 -10.17
C GLU B 86 13.98 -15.46 -10.18
N ALA B 87 13.27 -15.97 -11.18
CA ALA B 87 11.93 -15.50 -11.51
C ALA B 87 10.99 -15.39 -10.30
N ASN B 88 10.44 -14.20 -10.12
CA ASN B 88 9.44 -13.88 -9.09
C ASN B 88 9.94 -14.01 -7.66
N GLN B 89 11.25 -14.04 -7.49
CA GLN B 89 11.84 -14.00 -6.16
C GLN B 89 12.28 -12.58 -5.87
N THR B 90 12.17 -12.16 -4.61
CA THR B 90 12.49 -10.77 -4.27
C THR B 90 13.93 -10.49 -4.66
N GLY B 91 14.13 -9.30 -5.23
CA GLY B 91 15.41 -8.90 -5.75
C GLY B 91 15.52 -9.09 -7.26
N CYS B 92 14.63 -9.88 -7.86
CA CYS B 92 14.75 -10.14 -9.28
C CYS B 92 14.37 -8.91 -10.10
N VAL B 93 14.84 -8.87 -11.33
CA VAL B 93 14.52 -7.78 -12.25
C VAL B 93 13.87 -8.33 -13.50
N ARG B 94 12.75 -7.74 -13.90
CA ARG B 94 12.12 -8.06 -15.17
C ARG B 94 12.40 -6.97 -16.19
N ARG B 95 12.48 -7.40 -17.45
CA ARG B 95 12.57 -6.46 -18.57
C ARG B 95 11.37 -6.72 -19.45
N PHE B 96 10.55 -5.71 -19.67
CA PHE B 96 9.48 -5.91 -20.62
C PHE B 96 9.41 -4.81 -21.67
N VAL B 97 8.86 -5.19 -22.80
CA VAL B 97 8.78 -4.34 -23.99
C VAL B 97 7.35 -3.92 -24.21
N CYS B 98 7.14 -2.62 -24.39
CA CYS B 98 5.80 -2.10 -24.65
C CYS B 98 5.62 -1.80 -26.11
N TYR B 99 4.40 -2.00 -26.61
CA TYR B 99 4.06 -1.63 -27.97
C TYR B 99 4.18 -0.12 -28.08
N PRO B 100 4.42 0.38 -29.31
CA PRO B 100 4.39 1.83 -29.58
C PRO B 100 3.24 2.52 -28.85
N ALA B 101 3.56 3.52 -28.04
CA ALA B 101 2.57 4.20 -27.21
C ALA B 101 1.48 4.82 -28.08
N SER B 102 1.89 5.40 -29.20
CA SER B 102 0.96 5.89 -30.19
C SER B 102 1.52 5.54 -31.54
N GLU B 103 0.86 5.99 -32.59
CA GLU B 103 1.23 5.48 -33.90
C GLU B 103 2.46 6.27 -34.32
N GLY B 104 3.31 5.69 -35.15
CA GLY B 104 4.50 6.39 -35.59
C GLY B 104 5.67 6.22 -34.61
N GLU B 105 5.34 6.13 -33.32
CA GLU B 105 6.37 6.01 -32.29
C GLU B 105 7.02 4.63 -32.28
N SER B 106 8.05 4.46 -31.45
N SER B 106 8.05 4.47 -31.46
CA SER B 106 8.76 3.21 -31.35
CA SER B 106 8.77 3.20 -31.36
C SER B 106 8.40 2.45 -30.08
C SER B 106 8.45 2.46 -30.06
N GLU B 107 8.85 1.20 -29.99
CA GLU B 107 8.66 0.41 -28.78
C GLU B 107 9.47 0.99 -27.64
N THR B 108 9.02 0.81 -26.41
CA THR B 108 9.83 1.23 -25.28
C THR B 108 10.03 0.06 -24.31
N VAL B 109 11.00 0.21 -23.40
CA VAL B 109 11.41 -0.87 -22.51
C VAL B 109 11.33 -0.45 -21.05
N ASP B 110 10.90 -1.36 -20.19
CA ASP B 110 10.83 -1.16 -18.74
C ASP B 110 11.72 -2.20 -18.07
N TYR B 111 12.61 -1.74 -17.19
CA TYR B 111 13.27 -2.60 -16.22
C TYR B 111 12.72 -2.32 -14.83
N SER B 112 12.19 -3.33 -14.16
CA SER B 112 11.70 -3.10 -12.81
C SER B 112 12.10 -4.22 -11.89
N GLU B 113 12.41 -3.85 -10.66
CA GLU B 113 12.90 -4.80 -9.67
C GLU B 113 11.80 -5.15 -8.67
N LEU B 114 11.68 -6.43 -8.37
CA LEU B 114 10.78 -6.89 -7.32
C LEU B 114 11.45 -6.63 -5.99
N ILE B 115 10.90 -5.76 -5.17
CA ILE B 115 11.59 -5.45 -3.93
C ILE B 115 10.91 -6.02 -2.70
N HIS B 116 9.76 -6.64 -2.89
CA HIS B 116 9.12 -7.42 -1.83
C HIS B 116 8.12 -8.38 -2.43
N ASN B 118 5.36 -11.65 -1.23
CA ASN B 118 4.76 -12.59 -0.30
C ASN B 118 3.59 -13.26 -1.00
N ALA B 119 3.89 -14.34 -1.70
CA ALA B 119 2.91 -14.98 -2.57
C ALA B 119 1.73 -15.58 -1.82
N ALA B 120 1.99 -16.18 -0.66
CA ALA B 120 0.90 -16.76 0.13
C ALA B 120 -0.05 -15.68 0.64
N ALA B 121 0.48 -14.48 0.83
CA ALA B 121 -0.35 -13.35 1.26
C ALA B 121 -0.78 -12.47 0.08
N HIS B 122 -0.47 -12.92 -1.13
CA HIS B 122 -0.90 -12.28 -2.35
C HIS B 122 -0.57 -10.79 -2.42
N GLN B 123 0.68 -10.46 -2.16
CA GLN B 123 1.10 -9.06 -2.19
C GLN B 123 2.56 -8.93 -2.59
N TYR B 124 2.85 -7.89 -3.36
CA TYR B 124 4.22 -7.61 -3.71
C TYR B 124 4.42 -6.14 -4.02
N TYR B 126 7.21 -3.39 -6.29
CA TYR B 126 8.26 -3.31 -7.30
C TYR B 126 8.58 -1.87 -7.63
N ILE B 128 10.64 0.75 -10.72
CA ILE B 128 11.27 0.87 -12.03
C ILE B 128 12.73 1.26 -11.81
N VAL B 129 13.64 0.53 -12.44
CA VAL B 129 15.08 0.75 -12.25
C VAL B 129 15.81 1.02 -13.57
N GLY B 130 15.07 1.10 -14.67
CA GLY B 130 15.69 1.45 -15.93
C GLY B 130 14.70 1.44 -17.06
N GLY B 131 15.16 1.86 -18.24
CA GLY B 131 14.34 1.81 -19.43
C GLY B 131 13.79 3.16 -19.82
N ASN B 132 13.07 3.19 -20.93
CA ASN B 132 12.54 4.44 -21.42
C ASN B 132 11.03 4.35 -21.60
N ILE B 133 10.41 3.44 -20.85
CA ILE B 133 8.97 3.22 -20.95
C ILE B 133 8.21 4.55 -20.90
N THR B 134 7.30 4.73 -21.84
CA THR B 134 6.58 5.99 -21.98
C THR B 134 5.89 6.40 -20.69
N GLY B 135 6.17 7.60 -20.24
CA GLY B 135 5.51 8.15 -19.08
C GLY B 135 6.15 7.69 -17.79
N PHE B 136 6.11 6.37 -17.56
CA PHE B 136 6.59 5.82 -16.30
C PHE B 136 8.07 6.10 -16.08
N SER B 137 8.85 6.19 -17.16
CA SER B 137 10.29 6.43 -17.00
C SER B 137 10.61 7.89 -16.67
N LEU B 138 9.61 8.76 -16.72
CA LEU B 138 9.81 10.17 -16.36
C LEU B 138 9.88 10.37 -14.86
N LYS B 140 10.67 9.87 -10.85
CA LYS B 140 11.83 9.52 -10.04
C LYS B 140 11.44 8.48 -8.96
N ASN B 141 12.11 7.33 -8.97
CA ASN B 141 11.83 6.24 -8.03
C ASN B 141 10.35 5.90 -7.94
N TYR B 142 9.80 5.52 -9.07
CA TYR B 142 8.45 4.96 -9.12
C TYR B 142 8.42 3.61 -8.40
N VAL B 143 7.60 3.54 -7.35
CA VAL B 143 7.42 2.31 -6.56
C VAL B 143 5.94 1.95 -6.55
N SER B 144 5.63 0.69 -6.79
CA SER B 144 4.24 0.29 -6.84
C SER B 144 4.00 -0.90 -5.92
N ASN B 145 2.79 -0.95 -5.36
CA ASN B 145 2.36 -2.00 -4.46
C ASN B 145 1.09 -2.65 -4.96
N ILE B 146 1.05 -3.98 -4.94
CA ILE B 146 -0.16 -4.69 -5.31
C ILE B 146 -0.53 -5.62 -4.16
N SER B 147 -1.80 -5.61 -3.78
N SER B 147 -1.80 -5.60 -3.76
CA SER B 147 -2.28 -6.43 -2.68
CA SER B 147 -2.28 -6.44 -2.67
C SER B 147 -3.67 -6.97 -2.99
C SER B 147 -3.67 -6.97 -2.99
N LEU B 148 -3.85 -8.29 -2.85
CA LEU B 148 -5.15 -8.92 -3.07
C LEU B 148 -5.74 -9.44 -1.75
N SER B 149 -7.02 -9.21 -1.54
CA SER B 149 -7.69 -9.72 -0.35
C SER B 149 -9.02 -10.37 -0.76
N SER B 150 -9.50 -11.34 0.02
CA SER B 150 -10.82 -11.92 -0.24
C SER B 150 -11.86 -11.30 0.67
N LEU B 151 -13.03 -10.95 0.12
CA LEU B 151 -14.17 -10.58 0.96
C LEU B 151 -14.75 -11.85 1.58
N PRO B 152 -15.41 -11.73 2.75
CA PRO B 152 -15.98 -12.91 3.42
C PRO B 152 -16.93 -13.71 2.52
N GLU B 153 -16.85 -15.03 2.60
CA GLU B 153 -17.73 -15.90 1.81
C GLU B 153 -19.19 -15.63 2.17
N GLU B 154 -19.42 -15.32 3.44
CA GLU B 154 -20.73 -15.00 3.98
C GLU B 154 -21.39 -13.82 3.25
N ASP B 155 -20.58 -12.93 2.68
CA ASP B 155 -21.06 -11.71 2.04
C ASP B 155 -21.00 -11.81 0.53
N GLY B 156 -20.78 -13.02 0.03
CA GLY B 156 -20.77 -13.25 -1.40
C GLY B 156 -19.38 -13.40 -1.98
N GLY B 157 -18.35 -13.25 -1.15
CA GLY B 157 -16.99 -13.34 -1.63
C GLY B 157 -16.62 -12.16 -2.52
N GLY B 158 -15.73 -12.40 -3.47
CA GLY B 158 -15.19 -11.32 -4.27
C GLY B 158 -13.77 -11.04 -3.83
N VAL B 159 -13.05 -10.30 -4.66
CA VAL B 159 -11.65 -10.00 -4.40
C VAL B 159 -11.48 -8.48 -4.31
N ILE B 160 -10.73 -8.01 -3.32
CA ILE B 160 -10.32 -6.61 -3.32
C ILE B 160 -8.91 -6.48 -3.88
N PHE B 161 -8.78 -5.70 -4.93
CA PHE B 161 -7.51 -5.47 -5.62
C PHE B 161 -7.02 -4.09 -5.20
N TYR B 162 -5.96 -4.04 -4.40
CA TYR B 162 -5.33 -2.77 -4.03
C TYR B 162 -4.09 -2.53 -4.87
N TRP B 163 -3.96 -1.31 -5.41
CA TRP B 163 -2.82 -0.97 -6.27
C TRP B 163 -2.44 0.47 -5.98
N SER B 164 -1.22 0.69 -5.51
CA SER B 164 -0.76 2.04 -5.21
C SER B 164 0.59 2.31 -5.84
N PHE B 165 0.93 3.59 -5.99
CA PHE B 165 2.28 3.97 -6.38
C PHE B 165 2.73 5.15 -5.54
N THR B 166 4.04 5.28 -5.43
CA THR B 166 4.66 6.54 -5.02
C THR B 166 5.76 6.95 -6.01
N ALA B 167 6.08 8.23 -5.99
CA ALA B 167 7.20 8.75 -6.76
C ALA B 167 7.78 9.90 -5.95
N GLU B 168 9.05 10.19 -6.15
CA GLU B 168 9.67 11.31 -5.48
C GLU B 168 9.44 12.59 -6.27
N PRO B 169 9.01 13.66 -5.59
CA PRO B 169 8.83 14.96 -6.24
C PRO B 169 10.09 15.38 -6.98
N ALA B 170 9.89 15.89 -8.18
CA ALA B 170 10.98 16.33 -9.02
C ALA B 170 10.56 17.56 -9.80
N SER B 171 11.51 18.43 -10.08
N SER B 171 11.51 18.44 -10.08
CA SER B 171 11.22 19.69 -10.75
CA SER B 171 11.24 19.69 -10.77
C SER B 171 10.58 19.51 -12.12
C SER B 171 10.57 19.50 -12.12
N ASN B 172 10.96 18.46 -12.85
CA ASN B 172 10.47 18.26 -14.21
C ASN B 172 9.10 17.64 -14.29
N LEU B 173 8.47 17.40 -13.15
CA LEU B 173 7.15 16.79 -13.16
C LEU B 173 6.23 17.43 -12.12
N THR B 174 5.00 16.95 -12.07
CA THR B 174 4.02 17.32 -11.06
C THR B 174 3.29 16.07 -10.60
N GLU B 175 2.67 16.12 -9.42
CA GLU B 175 1.95 14.96 -8.93
C GLU B 175 0.76 14.66 -9.84
N GLN B 176 0.10 15.71 -10.33
N GLN B 176 0.09 15.70 -10.33
CA GLN B 176 -1.02 15.52 -11.24
CA GLN B 176 -1.04 15.48 -11.23
C GLN B 176 -0.60 14.76 -12.50
C GLN B 176 -0.60 14.75 -12.50
N LYS B 177 0.58 15.10 -13.02
CA LYS B 177 1.08 14.41 -14.20
C LYS B 177 1.32 12.93 -13.88
N CYS B 178 1.87 12.66 -12.71
CA CYS B 178 2.08 11.26 -12.29
C CYS B 178 0.77 10.47 -12.33
N ILE B 179 -0.28 11.04 -11.73
CA ILE B 179 -1.56 10.36 -11.69
C ILE B 179 -2.14 10.19 -13.09
N GLU B 180 -1.93 11.16 -13.97
CA GLU B 180 -2.38 11.03 -15.35
C GLU B 180 -1.66 9.92 -16.12
N ILE B 181 -0.42 9.67 -15.76
CA ILE B 181 0.36 8.59 -16.35
C ILE B 181 -0.10 7.23 -15.82
N VAL B 182 -0.23 7.15 -14.50
CA VAL B 182 -0.40 5.86 -13.84
C VAL B 182 -1.83 5.32 -13.94
N PHE B 183 -2.81 6.14 -13.60
CA PHE B 183 -4.18 5.63 -13.46
C PHE B 183 -4.77 5.00 -14.75
N PRO B 184 -4.55 5.63 -15.91
CA PRO B 184 -5.06 4.96 -17.12
C PRO B 184 -4.40 3.59 -17.35
N LEU B 185 -3.15 3.44 -16.96
CA LEU B 185 -2.49 2.16 -17.15
C LEU B 185 -3.11 1.12 -16.19
N TYR B 186 -3.31 1.50 -14.93
CA TYR B 186 -3.95 0.60 -13.98
C TYR B 186 -5.33 0.21 -14.47
N THR B 187 -6.07 1.20 -14.96
CA THR B 187 -7.40 0.96 -15.49
C THR B 187 -7.37 -0.07 -16.63
N THR B 188 -6.45 0.11 -17.56
CA THR B 188 -6.30 -0.83 -18.66
C THR B 188 -5.92 -2.22 -18.18
N ALA B 189 -5.03 -2.27 -17.20
CA ALA B 189 -4.60 -3.57 -16.65
C ALA B 189 -5.77 -4.32 -16.02
N LEU B 190 -6.70 -3.61 -15.37
CA LEU B 190 -7.86 -4.28 -14.78
C LEU B 190 -8.78 -4.80 -15.88
N LYS B 191 -8.87 -4.06 -16.98
N LYS B 191 -8.88 -4.06 -16.99
CA LYS B 191 -9.66 -4.51 -18.12
CA LYS B 191 -9.67 -4.54 -18.12
C LYS B 191 -9.03 -5.77 -18.74
C LYS B 191 -9.03 -5.80 -18.72
N ASP B 192 -7.71 -5.74 -18.90
CA ASP B 192 -6.96 -6.88 -19.45
C ASP B 192 -7.07 -8.10 -18.55
N LEU B 193 -7.09 -7.86 -17.24
CA LEU B 193 -7.26 -8.96 -16.29
C LEU B 193 -8.55 -9.72 -16.58
N CYS B 194 -9.63 -8.97 -16.79
CA CYS B 194 -10.92 -9.59 -17.06
C CYS B 194 -10.86 -10.45 -18.31
N THR B 195 -10.21 -9.94 -19.35
CA THR B 195 -10.02 -10.69 -20.59
C THR B 195 -9.36 -12.04 -20.33
N HIS B 196 -8.27 -12.03 -19.58
CA HIS B 196 -7.53 -13.25 -19.34
C HIS B 196 -8.22 -14.19 -18.36
N LEU B 197 -9.07 -13.66 -17.49
CA LEU B 197 -9.85 -14.50 -16.58
C LEU B 197 -11.12 -15.00 -17.25
N SER B 198 -11.39 -14.47 -18.44
CA SER B 198 -12.63 -14.73 -19.17
C SER B 198 -13.86 -14.42 -18.34
N ILE B 199 -13.84 -13.27 -17.66
CA ILE B 199 -15.00 -12.76 -16.96
C ILE B 199 -15.40 -11.41 -17.55
N PRO B 200 -16.68 -11.02 -17.46
CA PRO B 200 -17.08 -9.75 -18.05
C PRO B 200 -16.41 -8.55 -17.41
N GLU B 201 -16.25 -7.51 -18.22
N GLU B 201 -16.24 -7.50 -18.20
CA GLU B 201 -15.68 -6.25 -17.76
CA GLU B 201 -15.63 -6.28 -17.70
C GLU B 201 -16.45 -5.68 -16.58
C GLU B 201 -16.45 -5.67 -16.56
N SER B 202 -17.75 -5.98 -16.53
CA SER B 202 -18.61 -5.51 -15.45
C SER B 202 -18.23 -6.11 -14.09
N SER B 203 -17.34 -7.09 -14.08
CA SER B 203 -16.90 -7.73 -12.82
C SER B 203 -16.11 -6.79 -11.92
N VAL B 204 -15.54 -5.75 -12.51
CA VAL B 204 -14.65 -4.84 -11.82
C VAL B 204 -15.33 -3.53 -11.45
N THR B 205 -15.17 -3.13 -10.19
CA THR B 205 -15.71 -1.87 -9.71
C THR B 205 -14.69 -1.09 -8.92
N LEU B 206 -14.33 0.10 -9.40
CA LEU B 206 -13.43 0.95 -8.65
C LEU B 206 -14.16 1.45 -7.40
N LEU B 207 -13.54 1.28 -6.23
CA LEU B 207 -14.18 1.70 -4.99
C LEU B 207 -14.00 3.19 -4.76
N ASP B 208 -15.03 3.83 -4.20
CA ASP B 208 -14.92 5.22 -3.77
C ASP B 208 -13.87 5.32 -2.68
N ASP B 209 -13.04 6.34 -2.74
CA ASP B 209 -12.03 6.56 -1.70
C ASP B 209 -12.47 7.71 -0.79
#